data_5KHX
#
_entry.id   5KHX
#
_cell.length_a   46.250
_cell.length_b   88.300
_cell.length_c   146.840
_cell.angle_alpha   90.00
_cell.angle_beta   90.00
_cell.angle_gamma   90.00
#
_symmetry.space_group_name_H-M   'C 2 2 21'
#
loop_
_entity.id
_entity.type
_entity.pdbx_description
1 polymer 'Tyrosine-protein kinase JAK1'
2 non-polymer ~{N}-[3-[methyl(7~{H}-pyrrolo[2,3-d]pyrimidin-4-yl)amino]cyclobutyl]methanesulfonamide
3 water water
#
_entity_poly.entity_id   1
_entity_poly.type   'polypeptide(L)'
_entity_poly.pdbx_seq_one_letter_code
;GSIMRDINKLEEQNPDIVSEKKPATEVDPTHFEKRFLKRIRDLGEGHFGKVELCRYDPEGDNTGEQVAVKSLKPESGGNH
IADLKKEIEILRNLYHENIVKYKGICTEDGGNGIKLIMEFLPSGSLKEYLPKNKNKINLKQQLKYAVQICKGMDYLGSRQ
YVHRDLAARNVLVESEHQVKIGDFGLTKAIETDKE(PTR)(PTR)TVKDDRDSPVFWYAPECLMQSKFYIASDVWSFGVT
LHELLTYCDSDSSPMALFLKMIGPTHGQMTVTRLVNTLKEGKRLPCPPNCPDEVYQLMRKCWEFQPSNRTSFQNLIEGFE
ALLK
;
_entity_poly.pdbx_strand_id   A
#
loop_
_chem_comp.id
_chem_comp.type
_chem_comp.name
_chem_comp.formula
6TE non-polymer ~{N}-[3-[methyl(7~{H}-pyrrolo[2,3-d]pyrimidin-4-yl)amino]cyclobutyl]methanesulfonamide 'C12 H17 N5 O2 S'
#
# COMPACT_ATOMS: atom_id res chain seq x y z
N PRO A 29 10.54 -5.71 -26.22
CA PRO A 29 10.99 -6.62 -25.17
C PRO A 29 10.33 -6.39 -23.79
N THR A 30 9.13 -5.78 -23.80
CA THR A 30 8.27 -5.54 -22.62
C THR A 30 6.81 -5.92 -22.96
N HIS A 31 6.62 -6.78 -23.99
CA HIS A 31 5.30 -7.26 -24.39
C HIS A 31 5.15 -8.74 -24.14
N PHE A 32 4.07 -9.11 -23.48
CA PHE A 32 3.76 -10.48 -23.10
C PHE A 32 2.54 -10.98 -23.84
N GLU A 33 2.68 -12.11 -24.56
CA GLU A 33 1.62 -12.73 -25.33
C GLU A 33 0.67 -13.43 -24.37
N LYS A 34 -0.64 -13.11 -24.41
CA LYS A 34 -1.64 -13.65 -23.49
C LYS A 34 -1.72 -15.20 -23.47
N ARG A 35 -1.62 -15.86 -24.65
CA ARG A 35 -1.65 -17.32 -24.77
C ARG A 35 -0.49 -17.98 -24.00
N PHE A 36 0.64 -17.25 -23.83
CA PHE A 36 1.85 -17.72 -23.14
C PHE A 36 1.79 -17.55 -21.63
N LEU A 37 0.86 -16.73 -21.12
CA LEU A 37 0.70 -16.52 -19.68
C LEU A 37 -0.21 -17.60 -19.11
N LYS A 38 0.40 -18.57 -18.42
CA LYS A 38 -0.31 -19.71 -17.84
C LYS A 38 -0.65 -19.39 -16.39
N ARG A 39 -1.96 -19.27 -16.08
CA ARG A 39 -2.41 -18.90 -14.74
C ARG A 39 -2.13 -20.01 -13.74
N ILE A 40 -1.71 -19.62 -12.53
CA ILE A 40 -1.37 -20.54 -11.45
C ILE A 40 -2.36 -20.44 -10.28
N ARG A 41 -2.49 -19.21 -9.71
CA ARG A 41 -3.36 -18.85 -8.59
C ARG A 41 -3.54 -17.33 -8.51
N ASP A 42 -4.65 -16.88 -7.88
CA ASP A 42 -4.94 -15.47 -7.62
C ASP A 42 -3.99 -15.02 -6.53
N LEU A 43 -3.53 -13.75 -6.59
CA LEU A 43 -2.60 -13.14 -5.63
C LEU A 43 -3.30 -12.15 -4.72
N GLY A 44 -4.30 -11.48 -5.25
CA GLY A 44 -5.12 -10.52 -4.54
C GLY A 44 -6.32 -10.07 -5.34
N LYS A 50 -8.11 -7.62 -10.65
CA LYS A 50 -7.47 -8.69 -9.89
C LYS A 50 -5.99 -8.88 -10.26
N VAL A 51 -5.20 -9.49 -9.36
CA VAL A 51 -3.78 -9.78 -9.56
C VAL A 51 -3.57 -11.30 -9.49
N GLU A 52 -3.06 -11.91 -10.55
CA GLU A 52 -2.84 -13.36 -10.60
C GLU A 52 -1.37 -13.68 -10.83
N LEU A 53 -0.96 -14.83 -10.29
CA LEU A 53 0.37 -15.38 -10.49
C LEU A 53 0.27 -16.18 -11.78
N CYS A 54 1.14 -15.86 -12.72
CA CYS A 54 1.22 -16.53 -14.00
C CYS A 54 2.68 -16.89 -14.25
N ARG A 55 2.89 -17.81 -15.18
CA ARG A 55 4.20 -18.20 -15.62
C ARG A 55 4.23 -17.86 -17.11
N TYR A 56 5.03 -16.85 -17.51
CA TYR A 56 5.20 -16.48 -18.92
C TYR A 56 6.17 -17.48 -19.50
N ASP A 57 5.64 -18.42 -20.33
CA ASP A 57 6.35 -19.57 -20.87
C ASP A 57 6.24 -19.74 -22.42
N PRO A 58 6.89 -18.81 -23.19
CA PRO A 58 6.83 -18.90 -24.66
C PRO A 58 7.41 -20.17 -25.30
N GLU A 59 8.37 -20.82 -24.61
CA GLU A 59 9.02 -22.05 -25.10
C GLU A 59 8.16 -23.31 -24.90
N GLY A 60 7.17 -23.23 -24.01
CA GLY A 60 6.24 -24.31 -23.71
C GLY A 60 6.81 -25.47 -22.91
N ASP A 61 7.98 -25.29 -22.26
CA ASP A 61 8.66 -26.33 -21.49
C ASP A 61 8.62 -26.11 -19.96
N ASN A 62 7.73 -25.21 -19.50
CA ASN A 62 7.50 -24.83 -18.10
C ASN A 62 8.71 -24.17 -17.41
N THR A 63 9.81 -23.89 -18.17
CA THR A 63 11.02 -23.19 -17.69
C THR A 63 10.79 -21.66 -17.55
N GLY A 64 9.77 -21.15 -18.23
CA GLY A 64 9.43 -19.73 -18.23
C GLY A 64 9.30 -19.12 -16.84
N GLU A 65 9.53 -17.81 -16.74
CA GLU A 65 9.52 -17.09 -15.47
C GLU A 65 8.11 -16.74 -14.93
N GLN A 66 7.99 -16.81 -13.59
CA GLN A 66 6.80 -16.47 -12.83
C GLN A 66 6.68 -14.96 -12.80
N VAL A 67 5.45 -14.44 -13.01
CA VAL A 67 5.11 -13.03 -13.06
C VAL A 67 3.73 -12.74 -12.42
N ALA A 68 3.57 -11.50 -11.91
CA ALA A 68 2.31 -11.02 -11.33
C ALA A 68 1.59 -10.29 -12.46
N VAL A 69 0.31 -10.64 -12.68
CA VAL A 69 -0.49 -10.09 -13.77
C VAL A 69 -1.73 -9.40 -13.20
N LYS A 70 -1.91 -8.11 -13.53
CA LYS A 70 -3.05 -7.30 -13.10
C LYS A 70 -3.97 -7.03 -14.30
N SER A 71 -5.22 -7.51 -14.21
CA SER A 71 -6.24 -7.36 -15.25
C SER A 71 -7.55 -6.88 -14.63
N LEU A 72 -8.58 -6.71 -15.46
CA LEU A 72 -9.90 -6.30 -15.02
C LEU A 72 -10.78 -7.51 -14.74
N LYS A 73 -11.48 -7.49 -13.59
CA LYS A 73 -12.38 -8.54 -13.09
C LYS A 73 -13.61 -8.74 -13.98
N ASN A 79 -14.06 -1.81 -19.23
CA ASN A 79 -14.93 -0.80 -18.65
C ASN A 79 -14.09 0.29 -17.96
N HIS A 80 -13.15 -0.15 -17.08
CA HIS A 80 -12.23 0.72 -16.35
C HIS A 80 -10.81 0.49 -16.89
N ILE A 81 -10.70 0.35 -18.22
CA ILE A 81 -9.44 0.14 -18.95
C ILE A 81 -8.55 1.38 -18.85
N ALA A 82 -9.18 2.57 -18.81
CA ALA A 82 -8.55 3.89 -18.72
C ALA A 82 -7.79 4.07 -17.41
N ASP A 83 -8.32 3.44 -16.34
CA ASP A 83 -7.78 3.41 -14.99
C ASP A 83 -6.54 2.54 -14.91
N LEU A 84 -6.58 1.33 -15.50
CA LEU A 84 -5.46 0.40 -15.53
C LEU A 84 -4.34 0.99 -16.41
N LYS A 85 -4.72 1.68 -17.52
CA LYS A 85 -3.77 2.38 -18.40
C LYS A 85 -3.03 3.47 -17.61
N LYS A 86 -3.77 4.21 -16.74
CA LYS A 86 -3.17 5.23 -15.88
C LYS A 86 -2.17 4.57 -14.89
N GLU A 87 -2.55 3.43 -14.27
CA GLU A 87 -1.69 2.70 -13.33
C GLU A 87 -0.39 2.21 -13.99
N ILE A 88 -0.51 1.74 -15.26
CA ILE A 88 0.57 1.30 -16.12
C ILE A 88 1.54 2.45 -16.38
N GLU A 89 1.02 3.62 -16.76
CA GLU A 89 1.82 4.83 -16.98
C GLU A 89 2.57 5.20 -15.69
N ILE A 90 1.86 5.14 -14.52
CA ILE A 90 2.45 5.40 -13.20
C ILE A 90 3.59 4.46 -12.90
N LEU A 91 3.36 3.12 -13.00
CA LEU A 91 4.36 2.14 -12.60
C LEU A 91 5.60 2.11 -13.50
N ARG A 92 5.42 2.27 -14.81
CA ARG A 92 6.47 2.33 -15.83
C ARG A 92 7.40 3.52 -15.48
N ASN A 93 6.83 4.61 -14.94
CA ASN A 93 7.53 5.83 -14.53
C ASN A 93 8.13 5.73 -13.09
N LEU A 94 8.03 4.56 -12.41
CA LEU A 94 8.61 4.45 -11.08
C LEU A 94 9.76 3.51 -11.16
N TYR A 95 10.92 3.97 -10.67
CA TYR A 95 12.12 3.15 -10.65
C TYR A 95 12.77 3.34 -9.29
N HIS A 96 12.54 2.39 -8.38
CA HIS A 96 13.07 2.47 -7.02
C HIS A 96 13.15 1.10 -6.37
N GLU A 97 14.20 0.90 -5.57
CA GLU A 97 14.49 -0.33 -4.82
C GLU A 97 13.29 -0.84 -3.99
N ASN A 98 12.49 0.11 -3.46
CA ASN A 98 11.34 -0.20 -2.62
C ASN A 98 10.01 -0.03 -3.32
N ILE A 99 10.01 -0.24 -4.64
CA ILE A 99 8.83 -0.18 -5.51
C ILE A 99 8.90 -1.37 -6.46
N VAL A 100 7.82 -2.19 -6.51
CA VAL A 100 7.71 -3.37 -7.34
C VAL A 100 8.07 -3.06 -8.81
N LYS A 101 8.92 -3.88 -9.41
CA LYS A 101 9.36 -3.67 -10.79
C LYS A 101 8.27 -3.88 -11.83
N TYR A 102 8.11 -2.89 -12.70
CA TYR A 102 7.24 -2.96 -13.86
C TYR A 102 7.98 -3.86 -14.87
N LYS A 103 7.29 -4.88 -15.42
CA LYS A 103 7.90 -5.78 -16.41
C LYS A 103 7.40 -5.45 -17.80
N GLY A 104 6.09 -5.28 -17.93
CA GLY A 104 5.51 -4.94 -19.21
C GLY A 104 4.01 -4.96 -19.24
N ILE A 105 3.47 -5.21 -20.45
CA ILE A 105 2.04 -5.21 -20.75
C ILE A 105 1.62 -6.36 -21.68
N CYS A 106 0.44 -6.93 -21.41
CA CYS A 106 -0.18 -8.00 -22.19
C CYS A 106 -1.51 -7.49 -22.77
N THR A 107 -1.66 -7.60 -24.09
CA THR A 107 -2.86 -7.14 -24.77
C THR A 107 -3.89 -8.26 -24.92
N GLU A 108 -5.13 -7.98 -24.51
CA GLU A 108 -6.27 -8.87 -24.63
C GLU A 108 -7.02 -8.45 -25.90
N ASP A 109 -7.12 -9.38 -26.86
CA ASP A 109 -7.70 -9.13 -28.19
C ASP A 109 -9.17 -8.64 -28.14
N GLY A 110 -9.61 -7.88 -29.17
CA GLY A 110 -8.88 -7.53 -30.39
C GLY A 110 -7.93 -6.34 -30.23
N GLY A 111 -7.04 -6.43 -29.25
CA GLY A 111 -6.13 -5.36 -28.86
C GLY A 111 -6.95 -4.30 -28.15
N ASN A 112 -8.09 -4.75 -27.57
CA ASN A 112 -9.09 -3.93 -26.89
C ASN A 112 -8.97 -3.93 -25.35
N GLY A 113 -8.18 -4.86 -24.81
CA GLY A 113 -7.93 -5.01 -23.37
C GLY A 113 -6.46 -4.99 -23.00
N ILE A 114 -6.17 -4.63 -21.76
CA ILE A 114 -4.78 -4.54 -21.29
C ILE A 114 -4.57 -5.26 -19.95
N LYS A 115 -3.33 -5.74 -19.75
CA LYS A 115 -2.89 -6.39 -18.52
C LYS A 115 -1.55 -5.82 -18.09
N LEU A 116 -1.39 -5.51 -16.79
CA LEU A 116 -0.14 -5.02 -16.22
C LEU A 116 0.70 -6.21 -15.77
N ILE A 117 1.95 -6.31 -16.27
CA ILE A 117 2.92 -7.36 -15.93
C ILE A 117 3.97 -6.78 -14.96
N MET A 118 4.08 -7.41 -13.78
CA MET A 118 5.01 -7.04 -12.71
C MET A 118 5.85 -8.23 -12.31
N GLU A 119 6.98 -7.95 -11.63
CA GLU A 119 7.80 -9.02 -11.09
C GLU A 119 7.00 -9.71 -9.98
N PHE A 120 7.25 -10.99 -9.76
CA PHE A 120 6.56 -11.73 -8.72
C PHE A 120 7.46 -11.91 -7.51
N LEU A 121 6.95 -11.51 -6.33
CA LEU A 121 7.72 -11.72 -5.09
C LEU A 121 7.05 -12.89 -4.36
N PRO A 122 7.63 -14.13 -4.40
CA PRO A 122 6.97 -15.29 -3.78
C PRO A 122 6.58 -15.19 -2.30
N SER A 123 7.35 -14.46 -1.47
CA SER A 123 7.06 -14.29 -0.03
C SER A 123 5.76 -13.52 0.21
N GLY A 124 5.23 -12.89 -0.82
CA GLY A 124 3.98 -12.18 -0.78
C GLY A 124 4.00 -10.88 -0.01
N SER A 125 2.81 -10.45 0.45
CA SER A 125 2.63 -9.22 1.20
C SER A 125 2.99 -9.39 2.68
N LEU A 126 3.17 -8.25 3.39
CA LEU A 126 3.42 -8.29 4.83
C LEU A 126 2.24 -8.98 5.53
N LYS A 127 1.00 -8.70 5.06
CA LYS A 127 -0.27 -9.27 5.54
C LYS A 127 -0.25 -10.82 5.58
N GLU A 128 0.48 -11.48 4.66
CA GLU A 128 0.57 -12.93 4.60
C GLU A 128 1.89 -13.48 5.16
N TYR A 129 2.99 -12.69 5.03
CA TYR A 129 4.34 -13.06 5.47
C TYR A 129 4.53 -12.96 6.97
N LEU A 130 4.24 -11.79 7.56
CA LEU A 130 4.41 -11.52 8.99
C LEU A 130 3.78 -12.58 9.91
N PRO A 131 2.51 -13.06 9.73
CA PRO A 131 1.99 -14.10 10.64
C PRO A 131 2.77 -15.40 10.59
N LYS A 132 3.29 -15.73 9.41
CA LYS A 132 4.08 -16.94 9.14
C LYS A 132 5.49 -16.89 9.72
N ASN A 133 6.00 -15.68 10.05
CA ASN A 133 7.38 -15.52 10.52
C ASN A 133 7.53 -14.63 11.76
N LYS A 134 6.52 -14.61 12.66
CA LYS A 134 6.53 -13.85 13.94
C LYS A 134 7.82 -14.06 14.77
N ASN A 135 8.47 -15.20 14.54
CA ASN A 135 9.70 -15.73 15.15
C ASN A 135 11.01 -15.03 14.68
N LYS A 136 11.29 -14.99 13.35
CA LYS A 136 12.54 -14.40 12.81
C LYS A 136 12.51 -12.86 12.68
N ILE A 137 11.31 -12.27 12.63
CA ILE A 137 11.19 -10.84 12.45
C ILE A 137 11.07 -10.14 13.77
N ASN A 138 12.17 -9.48 14.17
CA ASN A 138 12.21 -8.71 15.40
C ASN A 138 11.90 -7.23 15.08
N LEU A 139 11.99 -6.36 16.10
CA LEU A 139 11.74 -4.93 15.99
C LEU A 139 12.73 -4.24 15.07
N LYS A 140 14.01 -4.65 15.11
CA LYS A 140 15.03 -4.05 14.24
C LYS A 140 14.63 -4.24 12.78
N GLN A 141 14.23 -5.47 12.43
CA GLN A 141 13.82 -5.82 11.08
C GLN A 141 12.54 -5.07 10.67
N GLN A 142 11.58 -4.94 11.58
CA GLN A 142 10.33 -4.20 11.31
C GLN A 142 10.64 -2.74 11.07
N LEU A 143 11.65 -2.17 11.79
CA LEU A 143 12.01 -0.77 11.61
C LEU A 143 12.72 -0.53 10.30
N LYS A 144 13.47 -1.53 9.80
CA LYS A 144 14.13 -1.46 8.50
C LYS A 144 13.06 -1.42 7.42
N TYR A 145 11.98 -2.23 7.57
CA TYR A 145 10.83 -2.26 6.64
C TYR A 145 10.17 -0.89 6.63
N ALA A 146 9.91 -0.30 7.82
CA ALA A 146 9.32 1.03 7.98
C ALA A 146 10.14 2.07 7.20
N VAL A 147 11.48 2.06 7.36
CA VAL A 147 12.41 2.93 6.61
C VAL A 147 12.19 2.76 5.08
N GLN A 148 12.19 1.50 4.60
CA GLN A 148 12.05 1.14 3.19
C GLN A 148 10.74 1.62 2.57
N ILE A 149 9.61 1.41 3.28
CA ILE A 149 8.28 1.89 2.86
C ILE A 149 8.34 3.42 2.71
N CYS A 150 8.94 4.10 3.71
CA CYS A 150 9.09 5.56 3.75
C CYS A 150 9.93 6.10 2.60
N LYS A 151 10.94 5.32 2.18
CA LYS A 151 11.82 5.67 1.08
C LYS A 151 11.03 5.55 -0.21
N GLY A 152 10.34 4.43 -0.37
CA GLY A 152 9.47 4.18 -1.50
C GLY A 152 8.40 5.24 -1.65
N MET A 153 7.80 5.65 -0.52
CA MET A 153 6.75 6.68 -0.48
C MET A 153 7.27 8.06 -0.74
N ASP A 154 8.47 8.38 -0.21
CA ASP A 154 9.11 9.70 -0.45
C ASP A 154 9.46 9.84 -1.92
N TYR A 155 9.95 8.75 -2.52
CA TYR A 155 10.25 8.73 -3.93
C TYR A 155 8.93 8.99 -4.73
N LEU A 156 7.84 8.29 -4.35
CA LEU A 156 6.49 8.48 -4.92
C LEU A 156 6.01 9.95 -4.78
N GLY A 157 6.18 10.53 -3.60
CA GLY A 157 5.89 11.94 -3.35
C GLY A 157 6.63 12.91 -4.24
N SER A 158 7.95 12.69 -4.45
CA SER A 158 8.78 13.56 -5.31
C SER A 158 8.30 13.58 -6.77
N ARG A 159 7.68 12.49 -7.25
CA ARG A 159 7.13 12.38 -8.60
C ARG A 159 5.71 12.98 -8.66
N GLN A 160 5.27 13.63 -7.56
CA GLN A 160 3.98 14.29 -7.38
C GLN A 160 2.77 13.33 -7.42
N TYR A 161 2.89 12.17 -6.77
CA TYR A 161 1.78 11.22 -6.72
C TYR A 161 1.32 11.00 -5.29
N VAL A 162 0.03 10.72 -5.10
CA VAL A 162 -0.57 10.28 -3.82
C VAL A 162 -1.01 8.83 -4.03
N HIS A 163 -0.60 7.93 -3.15
CA HIS A 163 -0.87 6.51 -3.26
C HIS A 163 -2.35 6.17 -2.98
N ARG A 164 -2.87 6.72 -1.86
CA ARG A 164 -4.26 6.61 -1.40
C ARG A 164 -4.69 5.21 -0.96
N ASP A 165 -3.73 4.26 -0.85
CA ASP A 165 -4.06 2.88 -0.53
C ASP A 165 -2.89 2.16 0.17
N LEU A 166 -2.12 2.91 0.98
CA LEU A 166 -1.01 2.34 1.70
C LEU A 166 -1.52 1.61 2.93
N ALA A 167 -1.41 0.27 2.88
CA ALA A 167 -1.80 -0.73 3.85
C ALA A 167 -0.75 -1.82 3.72
N ALA A 168 -0.70 -2.76 4.68
CA ALA A 168 0.30 -3.85 4.67
C ALA A 168 0.10 -4.86 3.54
N ARG A 169 -1.16 -5.04 3.08
CA ARG A 169 -1.53 -5.94 1.98
CA ARG A 169 -1.48 -5.97 1.98
C ARG A 169 -0.89 -5.50 0.63
N ASN A 170 -0.43 -4.24 0.57
CA ASN A 170 0.18 -3.65 -0.61
C ASN A 170 1.69 -3.51 -0.49
N VAL A 171 2.27 -4.00 0.64
CA VAL A 171 3.71 -3.96 0.88
C VAL A 171 4.19 -5.37 0.74
N LEU A 172 5.01 -5.59 -0.30
CA LEU A 172 5.55 -6.90 -0.65
C LEU A 172 6.90 -7.18 -0.05
N VAL A 173 7.18 -8.46 0.18
CA VAL A 173 8.43 -8.94 0.74
C VAL A 173 9.33 -9.49 -0.39
N GLU A 174 10.42 -8.80 -0.71
CA GLU A 174 11.37 -9.34 -1.71
C GLU A 174 12.22 -10.43 -1.04
N SER A 175 12.58 -10.20 0.24
CA SER A 175 13.38 -11.08 1.08
C SER A 175 13.12 -10.64 2.52
N GLU A 176 13.76 -11.29 3.52
CA GLU A 176 13.57 -10.88 4.93
C GLU A 176 14.23 -9.52 5.22
N HIS A 177 15.04 -9.04 4.28
CA HIS A 177 15.77 -7.79 4.41
C HIS A 177 15.19 -6.66 3.53
N GLN A 178 14.25 -6.98 2.63
CA GLN A 178 13.74 -5.97 1.71
C GLN A 178 12.26 -6.05 1.43
N VAL A 179 11.58 -4.87 1.48
CA VAL A 179 10.16 -4.72 1.16
C VAL A 179 9.98 -3.73 -0.02
N LYS A 180 8.88 -3.90 -0.75
CA LYS A 180 8.51 -3.06 -1.90
C LYS A 180 7.03 -2.71 -1.87
N ILE A 181 6.67 -1.47 -2.25
CA ILE A 181 5.26 -1.06 -2.40
C ILE A 181 4.84 -1.75 -3.72
N GLY A 182 3.81 -2.57 -3.65
CA GLY A 182 3.46 -3.48 -4.72
C GLY A 182 2.16 -3.31 -5.47
N ASP A 183 1.46 -2.21 -5.22
CA ASP A 183 0.21 -1.94 -5.91
C ASP A 183 -0.03 -0.45 -5.96
N PHE A 184 -0.42 0.07 -7.14
CA PHE A 184 -0.66 1.49 -7.34
C PHE A 184 -2.04 1.79 -7.92
N GLY A 185 -2.99 0.89 -7.67
CA GLY A 185 -4.35 0.95 -8.19
C GLY A 185 -5.21 2.17 -7.85
N LEU A 186 -4.87 2.93 -6.80
CA LEU A 186 -5.65 4.11 -6.38
C LEU A 186 -4.80 5.37 -6.51
N THR A 187 -3.51 5.23 -6.89
CA THR A 187 -2.52 6.29 -7.06
C THR A 187 -2.97 7.31 -8.04
N LYS A 188 -2.85 8.58 -7.66
CA LYS A 188 -3.22 9.70 -8.49
C LYS A 188 -2.11 10.75 -8.49
N ALA A 189 -1.96 11.43 -9.63
CA ALA A 189 -0.98 12.50 -9.76
C ALA A 189 -1.59 13.77 -9.23
N ILE A 190 -0.91 14.44 -8.28
CA ILE A 190 -1.35 15.75 -7.76
C ILE A 190 -1.04 16.79 -8.86
N GLU A 191 -2.03 17.58 -9.28
CA GLU A 191 -1.83 18.62 -10.28
C GLU A 191 -0.85 19.66 -9.77
N THR A 192 -0.05 20.20 -10.71
CA THR A 192 0.96 21.23 -10.43
C THR A 192 0.31 22.46 -9.82
N ASP A 193 0.96 22.99 -8.78
CA ASP A 193 0.58 24.16 -7.99
C ASP A 193 -0.56 23.82 -7.02
N LYS A 194 -0.89 22.52 -6.89
CA LYS A 194 -1.90 22.02 -5.95
C LYS A 194 -1.24 21.14 -4.89
N GLU A 195 -1.83 21.10 -3.69
CA GLU A 195 -1.33 20.33 -2.54
C GLU A 195 -2.02 18.97 -2.40
N PTR A 196 -3.08 18.77 -3.17
CA PTR A 196 -3.83 17.54 -3.12
C PTR A 196 -4.61 17.23 -4.39
O PTR A 196 -4.80 18.11 -5.23
CB PTR A 196 -4.90 17.74 -2.01
CG PTR A 196 -5.86 18.87 -2.23
CD1 PTR A 196 -5.59 20.21 -1.77
CD2 PTR A 196 -7.10 18.54 -2.87
CE1 PTR A 196 -6.54 21.22 -1.93
CE2 PTR A 196 -8.03 19.55 -3.07
CZ PTR A 196 -7.74 20.88 -2.63
OH PTR A 196 -8.83 21.65 -2.83
P PTR A 196 -9.05 23.12 -3.16
O1P PTR A 196 -10.35 23.32 -2.40
O2P PTR A 196 -9.31 23.09 -4.68
O3P PTR A 196 -7.97 24.12 -2.64
N PTR A 197 -5.13 16.01 -4.45
CA PTR A 197 -6.02 15.50 -5.47
C PTR A 197 -7.39 15.24 -4.81
O PTR A 197 -7.46 14.68 -3.73
CB PTR A 197 -5.36 14.21 -6.01
CG PTR A 197 -6.20 13.69 -7.17
CD1 PTR A 197 -7.22 12.72 -6.94
CD2 PTR A 197 -5.99 14.22 -8.46
CE1 PTR A 197 -8.05 12.30 -7.98
CE2 PTR A 197 -6.84 13.78 -9.50
CZ PTR A 197 -7.87 12.78 -9.27
OH PTR A 197 -8.76 12.26 -10.23
P PTR A 197 -8.50 12.43 -11.78
O1P PTR A 197 -9.24 11.20 -12.33
O2P PTR A 197 -9.10 13.72 -12.33
O3P PTR A 197 -7.02 12.33 -12.28
N THR A 198 -8.48 15.62 -5.48
CA THR A 198 -9.86 15.41 -5.04
C THR A 198 -10.42 14.21 -5.81
N VAL A 199 -10.97 13.22 -5.10
CA VAL A 199 -11.54 12.00 -5.66
C VAL A 199 -13.04 12.01 -5.43
N LYS A 200 -13.82 12.19 -6.50
CA LYS A 200 -15.29 12.21 -6.44
C LYS A 200 -15.87 11.09 -7.29
N ASP A 201 -15.93 9.87 -6.73
CA ASP A 201 -16.42 8.71 -7.45
C ASP A 201 -17.23 7.76 -6.61
N ASP A 202 -17.83 6.76 -7.30
CA ASP A 202 -18.63 5.68 -6.72
C ASP A 202 -17.76 4.43 -6.35
N ARG A 203 -16.41 4.58 -6.38
CA ARG A 203 -15.47 3.48 -6.08
C ARG A 203 -15.28 3.30 -4.57
N ASP A 204 -14.78 2.10 -4.16
CA ASP A 204 -14.51 1.77 -2.76
C ASP A 204 -13.19 2.41 -2.29
N SER A 205 -13.10 2.59 -0.96
CA SER A 205 -12.00 3.26 -0.27
C SER A 205 -11.59 2.51 0.99
N PRO A 206 -10.27 2.43 1.29
CA PRO A 206 -9.83 1.75 2.53
C PRO A 206 -9.94 2.71 3.72
N VAL A 207 -11.19 3.00 4.13
CA VAL A 207 -11.59 3.99 5.14
C VAL A 207 -10.87 3.84 6.48
N PHE A 208 -10.52 2.60 6.88
CA PHE A 208 -9.81 2.43 8.17
C PHE A 208 -8.30 2.80 8.09
N TRP A 209 -7.82 3.14 6.88
CA TRP A 209 -6.44 3.62 6.66
C TRP A 209 -6.45 5.13 6.30
N TYR A 210 -7.66 5.75 6.18
CA TYR A 210 -7.84 7.14 5.76
C TYR A 210 -7.81 8.21 6.84
N ALA A 211 -7.12 9.31 6.50
CA ALA A 211 -6.98 10.52 7.32
C ALA A 211 -8.29 11.27 7.36
N PRO A 212 -8.52 12.12 8.38
CA PRO A 212 -9.76 12.92 8.42
C PRO A 212 -10.16 13.66 7.14
N GLU A 213 -9.21 14.37 6.44
CA GLU A 213 -9.46 15.15 5.21
C GLU A 213 -10.00 14.31 4.02
N CYS A 214 -9.58 13.03 3.92
CA CYS A 214 -9.96 12.05 2.92
C CYS A 214 -11.41 11.65 3.20
N LEU A 215 -11.70 11.30 4.47
CA LEU A 215 -13.03 10.89 4.90
C LEU A 215 -14.05 12.05 4.81
N MET A 216 -13.66 13.27 5.23
CA MET A 216 -14.53 14.44 5.27
C MET A 216 -14.68 15.16 3.96
N GLN A 217 -13.57 15.39 3.23
CA GLN A 217 -13.63 16.19 2.01
C GLN A 217 -13.20 15.47 0.73
N SER A 218 -12.84 14.18 0.82
CA SER A 218 -12.33 13.41 -0.33
C SER A 218 -11.02 14.03 -0.92
N LYS A 219 -10.26 14.77 -0.06
CA LYS A 219 -9.00 15.42 -0.48
C LYS A 219 -7.80 14.59 -0.04
N PHE A 220 -6.89 14.30 -0.97
CA PHE A 220 -5.71 13.45 -0.74
C PHE A 220 -4.44 14.19 -0.94
N TYR A 221 -3.71 14.37 0.17
CA TYR A 221 -2.45 15.05 0.26
C TYR A 221 -1.34 14.00 0.43
N ILE A 222 -0.07 14.38 0.22
CA ILE A 222 1.09 13.56 0.59
C ILE A 222 0.93 13.28 2.11
N ALA A 223 0.53 14.30 2.92
CA ALA A 223 0.29 14.12 4.37
C ALA A 223 -0.77 13.01 4.69
N SER A 224 -1.70 12.75 3.76
CA SER A 224 -2.74 11.72 3.92
C SER A 224 -2.11 10.33 3.78
N ASP A 225 -1.07 10.20 2.94
CA ASP A 225 -0.30 8.97 2.74
C ASP A 225 0.52 8.67 4.01
N VAL A 226 0.99 9.75 4.70
CA VAL A 226 1.73 9.71 5.97
C VAL A 226 0.82 9.11 7.03
N TRP A 227 -0.46 9.52 7.07
CA TRP A 227 -1.46 8.95 7.97
C TRP A 227 -1.59 7.45 7.73
N SER A 228 -1.75 7.05 6.44
CA SER A 228 -1.90 5.65 6.05
C SER A 228 -0.69 4.85 6.40
N PHE A 229 0.53 5.45 6.31
CA PHE A 229 1.78 4.80 6.71
C PHE A 229 1.72 4.47 8.20
N GLY A 230 1.31 5.43 9.02
CA GLY A 230 1.17 5.23 10.46
C GLY A 230 0.40 3.98 10.81
N VAL A 231 -0.76 3.78 10.12
CA VAL A 231 -1.70 2.64 10.25
C VAL A 231 -0.97 1.36 9.73
N THR A 232 -0.32 1.44 8.57
CA THR A 232 0.47 0.36 7.98
C THR A 232 1.57 -0.09 8.98
N LEU A 233 2.23 0.87 9.64
CA LEU A 233 3.25 0.62 10.65
C LEU A 233 2.62 -0.08 11.85
N HIS A 234 1.36 0.26 12.20
CA HIS A 234 0.68 -0.39 13.32
C HIS A 234 0.53 -1.89 13.01
N GLU A 235 0.04 -2.22 11.78
CA GLU A 235 -0.18 -3.57 11.24
C GLU A 235 1.10 -4.41 11.35
N LEU A 236 2.19 -3.84 10.84
CA LEU A 236 3.53 -4.37 10.81
C LEU A 236 4.02 -4.69 12.25
N LEU A 237 3.80 -3.76 13.19
CA LEU A 237 4.17 -3.97 14.61
C LEU A 237 3.35 -5.08 15.29
N THR A 238 2.06 -5.25 14.88
CA THR A 238 1.16 -6.32 15.37
C THR A 238 1.29 -7.61 14.53
N TYR A 239 2.33 -7.71 13.66
CA TYR A 239 2.59 -8.85 12.77
C TYR A 239 1.40 -9.21 11.86
N CYS A 240 0.59 -8.21 11.49
CA CYS A 240 -0.63 -8.34 10.68
C CYS A 240 -1.63 -9.33 11.27
N ASP A 241 -1.67 -9.42 12.62
CA ASP A 241 -2.64 -10.21 13.36
C ASP A 241 -4.04 -9.68 12.97
N SER A 242 -4.90 -10.58 12.46
CA SER A 242 -6.24 -10.27 12.00
C SER A 242 -7.08 -9.64 13.12
N ASP A 243 -6.92 -10.13 14.36
CA ASP A 243 -7.62 -9.65 15.55
C ASP A 243 -7.27 -8.20 15.90
N SER A 244 -6.07 -7.75 15.51
CA SER A 244 -5.59 -6.40 15.80
C SER A 244 -5.56 -5.49 14.56
N SER A 245 -6.17 -5.94 13.45
CA SER A 245 -6.20 -5.16 12.21
C SER A 245 -6.87 -3.81 12.44
N PRO A 246 -6.52 -2.75 11.67
CA PRO A 246 -7.16 -1.44 11.87
C PRO A 246 -8.69 -1.53 11.79
N MET A 247 -9.22 -2.38 10.88
CA MET A 247 -10.66 -2.62 10.73
C MET A 247 -11.23 -3.26 11.98
N ALA A 248 -10.57 -4.31 12.51
CA ALA A 248 -11.09 -4.99 13.71
C ALA A 248 -11.11 -4.09 14.93
N LEU A 249 -10.03 -3.29 15.13
CA LEU A 249 -9.90 -2.40 16.29
C LEU A 249 -10.88 -1.26 16.25
N PHE A 250 -10.94 -0.53 15.11
CA PHE A 250 -11.86 0.60 14.90
C PHE A 250 -13.31 0.17 15.00
N LEU A 251 -13.68 -0.99 14.38
CA LEU A 251 -15.03 -1.54 14.51
C LEU A 251 -15.39 -1.77 15.99
N LYS A 252 -14.43 -2.24 16.82
CA LYS A 252 -14.64 -2.45 18.25
C LYS A 252 -14.79 -1.12 18.99
N MET A 253 -14.15 -0.04 18.48
CA MET A 253 -14.24 1.30 19.08
C MET A 253 -15.59 1.94 18.74
N ILE A 254 -15.94 1.96 17.44
CA ILE A 254 -17.15 2.52 16.83
C ILE A 254 -18.45 1.76 17.25
N GLY A 255 -18.35 0.44 17.30
CA GLY A 255 -19.46 -0.43 17.69
C GLY A 255 -20.34 -0.86 16.55
N PRO A 256 -21.55 -1.41 16.88
CA PRO A 256 -22.49 -1.85 15.83
C PRO A 256 -22.82 -0.73 14.85
N THR A 257 -22.40 -0.91 13.59
CA THR A 257 -22.56 0.11 12.59
C THR A 257 -22.81 -0.41 11.17
N HIS A 258 -23.79 0.22 10.50
CA HIS A 258 -24.04 0.13 9.06
C HIS A 258 -22.98 1.16 8.65
N GLY A 259 -22.21 0.99 7.60
CA GLY A 259 -22.43 0.37 6.32
C GLY A 259 -22.36 1.68 5.55
N GLN A 260 -23.46 2.44 5.69
CA GLN A 260 -23.59 3.80 5.20
C GLN A 260 -23.16 4.83 6.27
N MET A 261 -23.09 4.43 7.57
CA MET A 261 -22.74 5.28 8.72
C MET A 261 -21.31 5.09 9.27
N THR A 262 -20.56 4.11 8.73
CA THR A 262 -19.20 3.76 9.15
C THR A 262 -18.23 4.96 9.10
N VAL A 263 -18.21 5.70 7.99
CA VAL A 263 -17.33 6.85 7.79
C VAL A 263 -17.59 7.99 8.81
N THR A 264 -18.88 8.30 9.09
CA THR A 264 -19.28 9.35 10.05
C THR A 264 -18.84 8.98 11.46
N ARG A 265 -19.15 7.75 11.89
CA ARG A 265 -18.79 7.22 13.20
C ARG A 265 -17.26 7.23 13.39
N LEU A 266 -16.52 6.88 12.32
CA LEU A 266 -15.07 6.86 12.28
C LEU A 266 -14.51 8.31 12.38
N VAL A 267 -15.10 9.28 11.64
CA VAL A 267 -14.69 10.70 11.69
C VAL A 267 -14.86 11.22 13.13
N ASN A 268 -16.01 10.90 13.76
CA ASN A 268 -16.36 11.33 15.11
C ASN A 268 -15.36 10.83 16.13
N THR A 269 -15.01 9.54 16.05
CA THR A 269 -14.01 8.86 16.86
C THR A 269 -12.64 9.55 16.72
N LEU A 270 -12.25 9.91 15.48
CA LEU A 270 -10.96 10.55 15.20
C LEU A 270 -10.93 12.00 15.69
N LYS A 271 -12.07 12.72 15.60
CA LYS A 271 -12.29 14.08 16.10
C LYS A 271 -12.13 14.13 17.63
N GLU A 272 -12.62 13.08 18.34
CA GLU A 272 -12.51 12.96 19.80
C GLU A 272 -11.06 12.74 20.23
N GLY A 273 -10.19 12.41 19.28
CA GLY A 273 -8.77 12.22 19.54
C GLY A 273 -8.36 10.78 19.75
N LYS A 274 -9.29 9.83 19.57
CA LYS A 274 -9.00 8.40 19.72
C LYS A 274 -8.18 7.98 18.54
N ARG A 275 -7.23 7.05 18.78
CA ARG A 275 -6.30 6.53 17.77
C ARG A 275 -6.03 5.07 18.08
N LEU A 276 -5.43 4.35 17.11
CA LEU A 276 -5.06 2.95 17.32
C LEU A 276 -4.05 2.88 18.47
N PRO A 277 -4.29 2.00 19.47
CA PRO A 277 -3.35 1.95 20.62
C PRO A 277 -1.98 1.42 20.23
N CYS A 278 -0.95 1.79 21.02
CA CYS A 278 0.44 1.35 20.86
C CYS A 278 0.42 -0.19 20.95
N PRO A 279 1.00 -0.93 19.97
CA PRO A 279 0.99 -2.40 20.07
C PRO A 279 1.74 -2.90 21.31
N PRO A 280 1.51 -4.14 21.81
CA PRO A 280 2.26 -4.56 23.01
C PRO A 280 3.77 -4.68 22.69
N ASN A 281 4.61 -4.23 23.66
CA ASN A 281 6.08 -4.21 23.60
C ASN A 281 6.63 -3.38 22.42
N CYS A 282 5.89 -2.30 22.05
CA CYS A 282 6.26 -1.33 21.04
C CYS A 282 6.90 -0.19 21.81
N PRO A 283 8.15 0.20 21.48
CA PRO A 283 8.81 1.23 22.27
C PRO A 283 8.28 2.62 21.98
N ASP A 284 8.28 3.46 23.03
CA ASP A 284 7.80 4.83 23.04
C ASP A 284 8.26 5.65 21.83
N GLU A 285 9.55 5.55 21.49
CA GLU A 285 10.19 6.23 20.39
C GLU A 285 9.49 5.96 19.07
N VAL A 286 9.12 4.69 18.81
CA VAL A 286 8.38 4.29 17.60
C VAL A 286 6.95 4.82 17.67
N TYR A 287 6.26 4.64 18.81
CA TYR A 287 4.90 5.16 18.96
C TYR A 287 4.81 6.66 18.75
N GLN A 288 5.80 7.42 19.28
CA GLN A 288 5.84 8.87 19.14
C GLN A 288 5.89 9.27 17.66
N LEU A 289 6.64 8.51 16.84
CA LEU A 289 6.73 8.71 15.40
C LEU A 289 5.40 8.36 14.74
N MET A 290 4.76 7.25 15.18
CA MET A 290 3.46 6.75 14.72
C MET A 290 2.34 7.78 14.99
N ARG A 291 2.39 8.43 16.16
CA ARG A 291 1.44 9.45 16.58
C ARG A 291 1.59 10.74 15.79
N LYS A 292 2.80 11.04 15.33
CA LYS A 292 3.12 12.19 14.49
C LYS A 292 2.52 12.04 13.07
N CYS A 293 2.14 10.80 12.66
CA CYS A 293 1.55 10.50 11.35
C CYS A 293 0.04 10.73 11.47
N TRP A 294 -0.45 10.78 12.74
CA TRP A 294 -1.86 10.81 13.10
C TRP A 294 -2.38 12.14 13.66
N GLU A 295 -1.67 13.24 13.40
CA GLU A 295 -2.15 14.56 13.77
C GLU A 295 -3.37 14.82 12.91
N PHE A 296 -4.51 15.22 13.52
CA PHE A 296 -5.76 15.48 12.82
C PHE A 296 -5.58 16.38 11.61
N GLN A 297 -4.86 17.50 11.76
CA GLN A 297 -4.60 18.43 10.65
C GLN A 297 -3.41 17.96 9.79
N PRO A 298 -3.56 17.89 8.44
CA PRO A 298 -2.43 17.44 7.58
C PRO A 298 -1.10 18.18 7.77
N SER A 299 -1.16 19.51 7.94
CA SER A 299 -0.02 20.40 8.14
C SER A 299 0.78 20.11 9.44
N ASN A 300 0.14 19.42 10.42
CA ASN A 300 0.81 19.11 11.67
C ASN A 300 1.51 17.75 11.66
N ARG A 301 1.35 16.99 10.57
CA ARG A 301 1.97 15.69 10.48
C ARG A 301 3.42 15.80 10.07
N THR A 302 4.17 14.76 10.39
CA THR A 302 5.54 14.59 10.03
C THR A 302 5.60 14.28 8.52
N SER A 303 6.81 14.39 7.95
CA SER A 303 7.03 14.07 6.54
C SER A 303 7.68 12.69 6.48
N PHE A 304 7.69 12.07 5.30
CA PHE A 304 8.33 10.78 5.11
C PHE A 304 9.84 10.88 5.37
N GLN A 305 10.47 12.02 5.02
CA GLN A 305 11.90 12.27 5.27
C GLN A 305 12.24 12.33 6.76
N ASN A 306 11.36 12.97 7.56
CA ASN A 306 11.51 13.06 9.01
C ASN A 306 11.30 11.68 9.61
N LEU A 307 10.45 10.86 8.99
CA LEU A 307 10.22 9.50 9.43
C LEU A 307 11.46 8.65 9.18
N ILE A 308 12.04 8.70 7.94
CA ILE A 308 13.27 7.99 7.56
C ILE A 308 14.33 8.23 8.66
N GLU A 309 14.74 9.50 8.85
CA GLU A 309 15.71 9.98 9.84
C GLU A 309 15.38 9.49 11.26
N GLY A 310 14.12 9.58 11.68
CA GLY A 310 13.62 9.15 12.98
C GLY A 310 13.86 7.67 13.24
N PHE A 311 13.48 6.80 12.29
CA PHE A 311 13.68 5.34 12.39
C PHE A 311 15.15 5.01 12.29
N GLU A 312 15.86 5.59 11.30
CA GLU A 312 17.30 5.35 11.11
C GLU A 312 18.13 5.67 12.38
N ALA A 313 17.72 6.70 13.15
CA ALA A 313 18.35 7.09 14.41
C ALA A 313 18.14 6.05 15.54
N LEU A 314 17.12 5.15 15.36
CA LEU A 314 16.79 4.11 16.34
C LEU A 314 17.51 2.79 16.07
N LEU A 315 18.02 2.61 14.86
CA LEU A 315 18.67 1.38 14.43
C LEU A 315 20.15 1.37 14.73
N LYS A 316 20.55 0.47 15.64
CA LYS A 316 21.90 0.27 16.22
C LYS A 316 22.37 1.50 17.00
N3 6TE B . 2.19 -10.72 -4.50
C4 6TE B . -1.88 -6.69 -4.38
N2 6TE B . -2.81 -6.54 -3.27
C7 6TE B . 1.66 -9.56 -5.03
C6 6TE B . -5.12 -7.16 -4.29
C9 6TE B . 3.57 -9.50 -6.52
C8 6TE B . 3.36 -11.18 -5.02
N5 6TE B . 4.11 -8.72 -7.52
C1 6TE B . 0.02 -9.78 -3.21
N1 6TE B . 0.49 -9.12 -4.45
C2 6TE B . -0.25 -8.01 -4.97
C3 6TE B . -1.80 -8.12 -4.99
C5 6TE B . -0.37 -6.74 -4.06
S1 6TE B . -4.32 -5.95 -3.46
O1 6TE B . -4.27 -4.82 -4.32
O2 6TE B . -4.87 -5.84 -2.16
N4 6TE B . 4.12 -10.65 -6.00
C10 6TE B . 2.34 -8.90 -6.09
C11 6TE B . 2.18 -7.72 -6.88
C12 6TE B . 3.25 -7.62 -7.73
H2 6TE B . -2.11 -5.91 -5.16
H11 6TE B . -2.44 -6.89 -2.39
H12 6TE B . -5.94 -6.83 -4.95
H13 6TE B . -4.54 -7.79 -4.99
H14 6TE B . -5.64 -7.91 -3.66
H15 6TE B . 3.73 -12.10 -4.56
H3 6TE B . 4.97 -8.90 -8.01
H4 6TE B . -0.40 -10.78 -3.42
H5 6TE B . -0.76 -9.19 -2.70
H6 6TE B . 0.84 -9.92 -2.47
H1 6TE B . 0.10 -7.74 -6.00
H7 6TE B . -2.24 -8.23 -6.00
H8 6TE B . -2.24 -8.92 -4.39
H9 6TE B . -0.11 -6.88 -3.00
H10 6TE B . 0.21 -5.86 -4.40
H16 6TE B . 1.36 -7.00 -6.80
H17 6TE B . 3.47 -6.86 -8.48
#